data_6FS2
#
_entry.id   6FS2
#
_cell.length_a   46.710
_cell.length_b   46.710
_cell.length_c   47.493
_cell.angle_alpha   74.74
_cell.angle_beta   74.74
_cell.angle_gamma   61.83
#
_symmetry.space_group_name_H-M   'P 1'
#
loop_
_entity.id
_entity.type
_entity.pdbx_description
1 polymer 'Induced myeloid leukemia cell differentiation protein Mcl-1'
2 non-polymer '7-(2-methylphenyl)-3-[3-(5,6,7,8-tetrahydronaphthalen-1-yloxy)propyl]-1~{H}-indole-2-carboxylic acid'
3 water water
#
_entity_poly.entity_id   1
_entity_poly.type   'polypeptide(L)'
_entity_poly.pdbx_seq_one_letter_code
;DDLYRQSLEIISRYLREQATGSKDTKPLGEAGAAGRRALETLRRVGDGVQRNHETAFQGMLRKLDIKNEDDVKSLSRVMI
HVFSDGVTNWGRIVTLISFGAFVAKHLKTINQESCIEPLAESITDVLVRTKRDWLVKQRGWDGFVEFFHVEDLE
;
_entity_poly.pdbx_strand_id   A,B
#
loop_
_chem_comp.id
_chem_comp.type
_chem_comp.name
_chem_comp.formula
E4K non-polymer '7-(2-methylphenyl)-3-[3-(5,6,7,8-tetrahydronaphthalen-1-yloxy)propyl]-1~{H}-indole-2-carboxylic acid' 'C29 H29 N O3'
#
# COMPACT_ATOMS: atom_id res chain seq x y z
N ASP A 1 -1.00 -32.13 -16.58
CA ASP A 1 -0.18 -32.08 -15.36
C ASP A 1 -1.07 -31.72 -14.17
N ASP A 2 -1.34 -32.73 -13.29
CA ASP A 2 -2.22 -32.57 -12.12
C ASP A 2 -1.67 -31.59 -11.08
N LEU A 3 -0.42 -31.79 -10.64
CA LEU A 3 0.31 -30.91 -9.74
C LEU A 3 0.95 -29.95 -10.71
N TYR A 4 0.34 -28.78 -10.83
CA TYR A 4 0.64 -27.60 -11.66
C TYR A 4 -0.72 -26.96 -11.82
N ARG A 5 -1.70 -27.69 -12.42
CA ARG A 5 -3.08 -27.29 -12.64
C ARG A 5 -3.73 -26.94 -11.29
N GLN A 6 -3.36 -27.71 -10.26
CA GLN A 6 -3.79 -27.59 -8.87
C GLN A 6 -3.11 -26.38 -8.22
N SER A 7 -1.76 -26.30 -8.32
CA SER A 7 -0.94 -25.22 -7.78
C SER A 7 -1.41 -23.87 -8.33
N LEU A 8 -1.54 -23.79 -9.68
CA LEU A 8 -2.03 -22.63 -10.42
C LEU A 8 -3.40 -22.18 -9.92
N GLU A 9 -4.26 -23.11 -9.47
CA GLU A 9 -5.59 -22.77 -8.94
C GLU A 9 -5.47 -22.08 -7.57
N ILE A 10 -4.71 -22.70 -6.65
CA ILE A 10 -4.49 -22.16 -5.31
C ILE A 10 -3.80 -20.78 -5.43
N ILE A 11 -2.71 -20.71 -6.20
CA ILE A 11 -1.93 -19.48 -6.42
C ILE A 11 -2.80 -18.39 -7.13
N SER A 12 -3.52 -18.75 -8.21
CA SER A 12 -4.42 -17.82 -8.94
C SER A 12 -5.51 -17.26 -8.01
N ARG A 13 -6.26 -18.14 -7.31
CA ARG A 13 -7.33 -17.70 -6.42
C ARG A 13 -6.85 -16.84 -5.26
N TYR A 14 -5.76 -17.22 -4.57
CA TYR A 14 -5.22 -16.41 -3.45
C TYR A 14 -4.84 -14.99 -3.84
N LEU A 15 -4.08 -14.84 -4.93
CA LEU A 15 -3.59 -13.58 -5.47
C LEU A 15 -4.73 -12.68 -5.94
N ARG A 16 -5.80 -13.28 -6.49
CA ARG A 16 -7.00 -12.61 -6.98
C ARG A 16 -7.81 -12.06 -5.79
N GLU A 17 -8.18 -12.94 -4.82
CA GLU A 17 -8.96 -12.50 -3.64
C GLU A 17 -8.18 -11.51 -2.76
N GLN A 18 -6.84 -11.60 -2.76
CA GLN A 18 -5.98 -10.67 -2.02
C GLN A 18 -6.03 -9.30 -2.66
N ALA A 19 -5.84 -9.23 -3.99
CA ALA A 19 -5.88 -7.98 -4.77
C ALA A 19 -7.25 -7.28 -4.67
N THR A 20 -8.38 -8.05 -4.78
CA THR A 20 -9.78 -7.61 -4.71
C THR A 20 -10.17 -7.17 -3.30
N GLY A 21 -9.84 -7.99 -2.31
CA GLY A 21 -10.17 -7.77 -0.91
C GLY A 21 -11.28 -8.69 -0.45
N SER A 22 -11.84 -9.48 -1.38
CA SER A 22 -12.94 -10.38 -1.11
C SER A 22 -12.83 -11.70 -1.85
N LYS A 23 -13.17 -12.81 -1.14
CA LYS A 23 -13.13 -14.18 -1.65
C LYS A 23 -14.19 -14.49 -2.71
N ASP A 24 -13.75 -15.13 -3.85
CA ASP A 24 -14.56 -15.57 -5.00
C ASP A 24 -15.67 -16.53 -4.56
N PRO A 27 -15.94 -21.74 -2.75
CA PRO A 27 -16.11 -21.75 -4.20
C PRO A 27 -14.85 -22.03 -5.01
N LEU A 28 -13.81 -22.66 -4.39
CA LEU A 28 -12.57 -23.02 -5.12
C LEU A 28 -12.73 -24.40 -5.77
N GLY A 29 -12.70 -25.43 -4.94
CA GLY A 29 -12.87 -26.80 -5.36
C GLY A 29 -14.06 -27.40 -4.64
N GLU A 30 -13.80 -28.50 -3.92
CA GLU A 30 -14.80 -29.20 -3.13
C GLU A 30 -14.30 -29.29 -1.70
N ALA A 31 -15.23 -29.17 -0.72
CA ALA A 31 -14.89 -29.23 0.72
C ALA A 31 -14.12 -30.52 1.07
N GLY A 32 -13.09 -30.38 1.90
CA GLY A 32 -12.24 -31.48 2.34
C GLY A 32 -11.07 -31.84 1.43
N ALA A 33 -11.16 -31.49 0.13
CA ALA A 33 -10.10 -31.76 -0.85
C ALA A 33 -8.83 -30.93 -0.55
N ALA A 34 -7.70 -31.34 -1.17
CA ALA A 34 -6.39 -30.70 -1.01
C ALA A 34 -6.43 -29.20 -1.32
N GLY A 35 -7.12 -28.82 -2.39
CA GLY A 35 -7.26 -27.44 -2.85
C GLY A 35 -7.94 -26.52 -1.84
N ARG A 36 -9.13 -26.91 -1.37
CA ARG A 36 -9.92 -26.15 -0.38
C ARG A 36 -9.10 -25.84 0.88
N ARG A 37 -8.58 -26.91 1.52
CA ARG A 37 -7.75 -26.88 2.72
C ARG A 37 -6.45 -26.07 2.49
N ALA A 38 -5.83 -26.20 1.30
CA ALA A 38 -4.61 -25.46 0.92
C ALA A 38 -4.82 -23.95 0.86
N LEU A 39 -6.01 -23.51 0.41
CA LEU A 39 -6.34 -22.09 0.28
C LEU A 39 -6.67 -21.48 1.63
N GLU A 40 -7.32 -22.26 2.50
CA GLU A 40 -7.70 -21.86 3.87
C GLU A 40 -6.43 -21.71 4.70
N THR A 41 -5.46 -22.62 4.49
CA THR A 41 -4.15 -22.64 5.14
C THR A 41 -3.34 -21.41 4.69
N LEU A 42 -3.22 -21.24 3.36
CA LEU A 42 -2.53 -20.14 2.68
C LEU A 42 -3.08 -18.80 3.17
N ARG A 43 -4.42 -18.70 3.35
CA ARG A 43 -5.04 -17.50 3.92
C ARG A 43 -4.51 -17.29 5.34
N ARG A 44 -4.54 -18.33 6.17
CA ARG A 44 -4.10 -18.24 7.57
C ARG A 44 -2.63 -17.86 7.70
N VAL A 45 -1.73 -18.72 7.17
CA VAL A 45 -0.29 -18.53 7.34
C VAL A 45 0.27 -17.39 6.45
N GLY A 46 -0.24 -17.24 5.22
CA GLY A 46 0.17 -16.22 4.26
C GLY A 46 -0.16 -14.77 4.56
N ASP A 47 -1.32 -14.50 5.17
CA ASP A 47 -1.77 -13.16 5.58
C ASP A 47 -0.89 -12.69 6.73
N GLY A 48 -0.47 -13.65 7.56
CA GLY A 48 0.43 -13.44 8.68
C GLY A 48 1.79 -13.04 8.17
N VAL A 49 2.29 -13.77 7.12
CA VAL A 49 3.59 -13.53 6.48
C VAL A 49 3.64 -12.08 5.92
N GLN A 50 2.58 -11.65 5.22
CA GLN A 50 2.47 -10.28 4.70
C GLN A 50 2.45 -9.19 5.81
N ARG A 51 1.88 -9.52 7.00
CA ARG A 51 1.85 -8.58 8.12
C ARG A 51 3.20 -8.53 8.83
N ASN A 52 3.78 -9.70 9.10
CA ASN A 52 5.02 -9.87 9.84
C ASN A 52 6.22 -9.40 9.05
N HIS A 53 6.22 -9.60 7.74
CA HIS A 53 7.32 -9.23 6.83
C HIS A 53 6.96 -8.08 5.89
N GLU A 54 6.08 -7.13 6.32
CA GLU A 54 5.66 -6.00 5.51
C GLU A 54 6.83 -5.09 5.09
N THR A 55 7.79 -4.83 6.01
CA THR A 55 8.96 -4.00 5.76
C THR A 55 9.76 -4.56 4.61
N ALA A 56 10.30 -5.77 4.77
CA ALA A 56 11.06 -6.50 3.75
C ALA A 56 10.31 -6.58 2.40
N PHE A 57 8.98 -6.81 2.43
CA PHE A 57 8.06 -6.86 1.28
C PHE A 57 7.93 -5.48 0.59
N GLN A 58 7.89 -4.36 1.38
CA GLN A 58 7.89 -2.98 0.85
C GLN A 58 9.24 -2.69 0.19
N GLY A 59 10.32 -3.17 0.79
CA GLY A 59 11.67 -3.02 0.26
C GLY A 59 11.95 -3.81 -1.00
N MET A 60 11.49 -5.08 -1.07
CA MET A 60 11.70 -5.88 -2.26
C MET A 60 10.90 -5.35 -3.44
N LEU A 61 9.64 -4.94 -3.20
CA LEU A 61 8.73 -4.35 -4.19
C LEU A 61 9.33 -3.05 -4.83
N ARG A 62 9.89 -2.14 -3.98
CA ARG A 62 10.54 -0.89 -4.40
C ARG A 62 11.71 -1.26 -5.28
N LYS A 63 12.61 -2.11 -4.76
CA LYS A 63 13.78 -2.66 -5.46
C LYS A 63 13.40 -3.25 -6.82
N LEU A 64 12.36 -4.09 -6.87
CA LEU A 64 11.90 -4.71 -8.12
C LEU A 64 11.29 -3.70 -9.11
N ASP A 65 10.76 -2.56 -8.61
CA ASP A 65 10.21 -1.43 -9.38
C ASP A 65 9.31 -1.87 -10.56
N ILE A 66 8.26 -2.67 -10.24
CA ILE A 66 7.30 -3.20 -11.22
C ILE A 66 6.37 -2.08 -11.62
N LYS A 67 6.54 -1.59 -12.85
CA LYS A 67 5.76 -0.49 -13.43
C LYS A 67 4.71 -1.00 -14.40
N ASN A 68 4.99 -2.09 -15.11
CA ASN A 68 4.08 -2.57 -16.15
C ASN A 68 4.13 -4.08 -16.40
N GLU A 69 3.50 -4.50 -17.53
CA GLU A 69 3.38 -5.87 -18.01
C GLU A 69 4.75 -6.53 -18.21
N ASP A 70 5.72 -5.80 -18.81
CA ASP A 70 7.10 -6.25 -19.09
C ASP A 70 7.81 -6.68 -17.81
N ASP A 71 7.79 -5.78 -16.80
CA ASP A 71 8.34 -5.98 -15.46
C ASP A 71 7.70 -7.17 -14.79
N VAL A 72 6.40 -7.45 -15.04
CA VAL A 72 5.73 -8.64 -14.46
C VAL A 72 6.30 -9.92 -15.09
N LYS A 73 6.49 -9.92 -16.43
CA LYS A 73 6.99 -11.06 -17.18
C LYS A 73 8.42 -11.36 -16.78
N SER A 74 9.22 -10.30 -16.58
CA SER A 74 10.62 -10.39 -16.16
C SER A 74 10.80 -10.82 -14.68
N LEU A 75 9.70 -11.04 -13.95
CA LEU A 75 9.74 -11.48 -12.56
C LEU A 75 10.19 -12.93 -12.44
N SER A 76 9.89 -13.76 -13.47
CA SER A 76 10.30 -15.18 -13.55
C SER A 76 11.79 -15.32 -13.38
N ARG A 77 12.55 -14.27 -13.71
CA ARG A 77 14.01 -14.27 -13.66
C ARG A 77 14.56 -14.19 -12.27
N VAL A 78 14.09 -13.22 -11.45
CA VAL A 78 14.53 -13.07 -10.05
C VAL A 78 14.00 -14.27 -9.23
N MET A 79 12.77 -14.74 -9.49
CA MET A 79 12.15 -15.93 -8.86
C MET A 79 13.03 -17.19 -9.11
N ILE A 80 13.43 -17.45 -10.40
CA ILE A 80 14.32 -18.56 -10.78
C ILE A 80 15.62 -18.45 -9.97
N HIS A 81 16.22 -17.25 -9.87
CA HIS A 81 17.45 -16.98 -9.11
C HIS A 81 17.37 -17.35 -7.63
N VAL A 82 16.27 -16.96 -6.97
CA VAL A 82 16.02 -17.13 -5.54
C VAL A 82 15.58 -18.55 -5.19
N PHE A 83 14.66 -19.12 -5.98
CA PHE A 83 14.10 -20.44 -5.71
C PHE A 83 14.99 -21.61 -6.19
N SER A 84 16.06 -21.33 -6.96
CA SER A 84 17.02 -22.34 -7.36
C SER A 84 18.13 -22.41 -6.28
N ASP A 85 17.99 -21.60 -5.20
CA ASP A 85 18.94 -21.47 -4.09
C ASP A 85 18.28 -21.63 -2.68
N GLY A 86 19.13 -21.92 -1.69
CA GLY A 86 18.75 -22.12 -0.30
C GLY A 86 18.08 -23.45 -0.08
N VAL A 87 17.36 -23.59 1.04
CA VAL A 87 16.64 -24.83 1.35
C VAL A 87 15.24 -24.84 0.71
N THR A 88 14.60 -26.03 0.67
CA THR A 88 13.23 -26.21 0.25
C THR A 88 12.46 -26.66 1.48
N ASN A 89 11.39 -25.94 1.80
CA ASN A 89 10.46 -26.23 2.88
C ASN A 89 9.19 -25.46 2.57
N TRP A 90 8.04 -25.89 3.12
CA TRP A 90 6.74 -25.25 2.91
C TRP A 90 6.71 -23.82 3.35
N GLY A 91 7.61 -23.44 4.26
CA GLY A 91 7.75 -22.08 4.73
C GLY A 91 8.11 -21.13 3.62
N ARG A 92 9.14 -21.50 2.85
CA ARG A 92 9.63 -20.81 1.65
C ARG A 92 8.51 -20.72 0.61
N ILE A 93 7.79 -21.86 0.40
CA ILE A 93 6.68 -21.96 -0.56
C ILE A 93 5.53 -21.02 -0.17
N VAL A 94 5.20 -20.94 1.13
CA VAL A 94 4.14 -20.03 1.57
C VAL A 94 4.63 -18.55 1.49
N THR A 95 5.96 -18.31 1.71
CA THR A 95 6.54 -16.97 1.60
C THR A 95 6.54 -16.48 0.17
N LEU A 96 6.87 -17.36 -0.78
CA LEU A 96 6.86 -17.10 -2.21
C LEU A 96 5.45 -16.69 -2.67
N ILE A 97 4.39 -17.39 -2.21
CA ILE A 97 2.98 -17.10 -2.61
C ILE A 97 2.48 -15.77 -1.94
N SER A 98 2.89 -15.50 -0.67
CA SER A 98 2.56 -14.30 0.11
C SER A 98 3.11 -13.02 -0.48
N PHE A 99 4.35 -13.08 -1.04
CA PHE A 99 4.95 -11.94 -1.71
C PHE A 99 4.27 -11.70 -3.06
N GLY A 100 3.81 -12.77 -3.68
CA GLY A 100 3.04 -12.70 -4.92
C GLY A 100 1.66 -12.06 -4.74
N ALA A 101 1.05 -12.24 -3.55
CA ALA A 101 -0.23 -11.63 -3.18
C ALA A 101 0.01 -10.15 -2.85
N PHE A 102 1.15 -9.83 -2.19
CA PHE A 102 1.62 -8.47 -1.85
C PHE A 102 1.82 -7.68 -3.18
N VAL A 103 2.63 -8.21 -4.13
CA VAL A 103 2.88 -7.67 -5.49
C VAL A 103 1.55 -7.51 -6.25
N ALA A 104 0.67 -8.53 -6.21
CA ALA A 104 -0.64 -8.49 -6.86
C ALA A 104 -1.52 -7.32 -6.35
N LYS A 105 -1.41 -6.96 -5.04
CA LYS A 105 -2.14 -5.81 -4.44
C LYS A 105 -1.64 -4.51 -5.06
N HIS A 106 -0.31 -4.40 -5.24
CA HIS A 106 0.35 -3.28 -5.89
C HIS A 106 -0.09 -3.15 -7.36
N LEU A 107 -0.11 -4.28 -8.13
CA LEU A 107 -0.56 -4.31 -9.53
C LEU A 107 -1.93 -3.70 -9.65
N LYS A 108 -2.81 -3.93 -8.65
CA LYS A 108 -4.12 -3.28 -8.61
C LYS A 108 -4.00 -1.77 -8.42
N THR A 109 -3.22 -1.29 -7.43
CA THR A 109 -3.09 0.15 -7.18
C THR A 109 -2.48 0.89 -8.38
N ILE A 110 -1.64 0.21 -9.18
CA ILE A 110 -0.99 0.82 -10.35
C ILE A 110 -1.75 0.52 -11.66
N ASN A 111 -3.00 0.06 -11.58
CA ASN A 111 -3.88 -0.14 -12.74
C ASN A 111 -3.34 -1.13 -13.77
N GLN A 112 -2.77 -2.23 -13.25
CA GLN A 112 -2.21 -3.35 -14.01
C GLN A 112 -2.83 -4.65 -13.47
N GLU A 113 -4.15 -4.63 -13.12
CA GLU A 113 -4.94 -5.77 -12.61
C GLU A 113 -4.82 -7.01 -13.48
N SER A 114 -4.75 -6.81 -14.80
CA SER A 114 -4.68 -7.83 -15.85
C SER A 114 -3.40 -8.67 -15.79
N CYS A 115 -2.33 -8.11 -15.20
CA CYS A 115 -1.02 -8.72 -15.02
C CYS A 115 -0.98 -9.74 -13.89
N ILE A 116 -2.03 -9.77 -13.03
CA ILE A 116 -2.15 -10.62 -11.83
C ILE A 116 -2.20 -12.10 -12.22
N GLU A 117 -3.17 -12.53 -13.06
CA GLU A 117 -3.24 -13.94 -13.50
C GLU A 117 -1.94 -14.33 -14.24
N PRO A 118 -1.41 -13.53 -15.21
CA PRO A 118 -0.07 -13.82 -15.77
C PRO A 118 1.00 -14.01 -14.67
N LEU A 119 1.06 -13.12 -13.66
CA LEU A 119 1.98 -13.22 -12.53
C LEU A 119 1.78 -14.58 -11.82
N ALA A 120 0.54 -14.94 -11.48
CA ALA A 120 0.23 -16.21 -10.81
C ALA A 120 0.76 -17.40 -11.62
N GLU A 121 0.59 -17.35 -12.97
CA GLU A 121 1.04 -18.36 -13.93
C GLU A 121 2.54 -18.54 -13.80
N SER A 122 3.30 -17.43 -13.87
CA SER A 122 4.76 -17.33 -13.70
C SER A 122 5.24 -17.92 -12.37
N ILE A 123 4.45 -17.81 -11.26
CA ILE A 123 4.81 -18.33 -9.93
C ILE A 123 4.70 -19.86 -9.92
N THR A 124 3.61 -20.40 -10.48
CA THR A 124 3.40 -21.84 -10.63
C THR A 124 4.51 -22.47 -11.52
N ASP A 125 4.86 -21.77 -12.63
CA ASP A 125 5.92 -22.21 -13.54
C ASP A 125 7.25 -22.32 -12.82
N VAL A 126 7.63 -21.29 -12.01
CA VAL A 126 8.93 -21.29 -11.31
C VAL A 126 8.94 -22.31 -10.16
N LEU A 127 7.82 -22.44 -9.45
CA LEU A 127 7.61 -23.37 -8.33
C LEU A 127 7.75 -24.84 -8.76
N VAL A 128 7.21 -25.19 -9.93
CA VAL A 128 7.26 -26.55 -10.45
C VAL A 128 8.63 -26.84 -11.13
N ARG A 129 9.13 -25.92 -11.98
CA ARG A 129 10.43 -26.13 -12.64
C ARG A 129 11.63 -26.18 -11.64
N THR A 130 11.54 -25.50 -10.48
CA THR A 130 12.63 -25.53 -9.50
C THR A 130 12.38 -26.52 -8.36
N LYS A 131 11.11 -26.96 -8.08
CA LYS A 131 10.83 -27.80 -6.92
C LYS A 131 9.87 -28.97 -7.09
N ARG A 132 9.60 -29.47 -8.31
CA ARG A 132 8.58 -30.54 -8.44
C ARG A 132 8.94 -31.91 -7.79
N ASP A 133 10.21 -32.38 -7.85
CA ASP A 133 10.62 -33.67 -7.23
C ASP A 133 10.31 -33.66 -5.72
N TRP A 134 10.66 -32.54 -5.07
CA TRP A 134 10.40 -32.25 -3.66
C TRP A 134 8.87 -32.19 -3.43
N LEU A 135 8.11 -31.50 -4.31
CA LEU A 135 6.64 -31.40 -4.22
C LEU A 135 5.99 -32.79 -4.30
N VAL A 136 6.47 -33.66 -5.22
CA VAL A 136 5.96 -35.02 -5.40
C VAL A 136 6.27 -35.82 -4.10
N LYS A 137 7.55 -35.78 -3.64
CA LYS A 137 7.99 -36.46 -2.42
C LYS A 137 7.23 -36.02 -1.18
N GLN A 138 6.63 -34.82 -1.20
CA GLN A 138 5.90 -34.24 -0.07
C GLN A 138 4.39 -34.40 -0.14
N ARG A 139 3.89 -35.14 -1.13
CA ARG A 139 2.45 -35.42 -1.36
C ARG A 139 1.70 -34.15 -1.84
N GLY A 140 2.47 -33.20 -2.36
CA GLY A 140 1.98 -31.94 -2.91
C GLY A 140 1.16 -31.12 -1.94
N TRP A 141 -0.03 -30.67 -2.40
CA TRP A 141 -0.91 -29.83 -1.60
C TRP A 141 -1.53 -30.54 -0.41
N ASP A 142 -1.41 -31.89 -0.35
CA ASP A 142 -1.84 -32.68 0.83
C ASP A 142 -0.79 -32.55 1.95
N GLY A 143 0.50 -32.61 1.58
CA GLY A 143 1.63 -32.45 2.47
C GLY A 143 1.70 -31.04 3.04
N PHE A 144 1.36 -30.03 2.19
CA PHE A 144 1.29 -28.61 2.52
C PHE A 144 0.30 -28.42 3.66
N VAL A 145 -0.93 -28.94 3.46
CA VAL A 145 -2.04 -28.89 4.41
C VAL A 145 -1.65 -29.56 5.74
N GLU A 146 -1.10 -30.80 5.66
CA GLU A 146 -0.64 -31.63 6.77
C GLU A 146 0.45 -30.93 7.61
N PHE A 147 1.38 -30.23 6.95
CA PHE A 147 2.49 -29.47 7.55
C PHE A 147 2.03 -28.31 8.43
N PHE A 148 1.03 -27.56 7.96
CA PHE A 148 0.53 -26.41 8.71
C PHE A 148 -0.64 -26.78 9.62
N HIS A 149 -0.91 -28.10 9.75
CA HIS A 149 -1.92 -28.65 10.63
C HIS A 149 -1.23 -28.90 11.97
N VAL A 150 -1.43 -27.99 12.94
CA VAL A 150 -0.77 -28.03 14.24
C VAL A 150 -1.70 -28.46 15.41
N GLU A 151 -2.94 -28.86 15.09
CA GLU A 151 -3.99 -29.22 16.03
C GLU A 151 -3.85 -30.57 16.75
N ASP A 152 -3.36 -31.63 16.09
CA ASP A 152 -3.29 -32.94 16.74
C ASP A 152 -1.85 -33.36 17.16
N LEU A 153 -1.13 -32.47 17.89
CA LEU A 153 0.23 -32.75 18.35
C LEU A 153 0.31 -33.37 19.76
N GLU A 154 -0.56 -32.94 20.70
CA GLU A 154 -0.61 -33.48 22.07
C GLU A 154 -1.15 -34.91 22.06
N ASP B 1 5.40 35.51 2.58
CA ASP B 1 4.13 35.18 3.19
C ASP B 1 4.30 34.25 4.40
N ASP B 2 4.00 34.77 5.62
CA ASP B 2 4.07 34.04 6.89
C ASP B 2 3.23 32.74 6.84
N LEU B 3 1.95 32.84 6.36
CA LEU B 3 0.97 31.75 6.27
C LEU B 3 1.41 30.66 5.30
N TYR B 4 1.79 31.03 4.07
CA TYR B 4 2.25 30.05 3.10
C TYR B 4 3.43 29.25 3.62
N ARG B 5 4.50 29.96 4.07
CA ARG B 5 5.73 29.37 4.64
C ARG B 5 5.40 28.37 5.77
N GLN B 6 4.50 28.77 6.69
CA GLN B 6 4.06 27.96 7.83
C GLN B 6 3.27 26.74 7.34
N SER B 7 2.31 26.94 6.40
CA SER B 7 1.48 25.85 5.87
C SER B 7 2.37 24.83 5.18
N LEU B 8 3.19 25.31 4.23
CA LEU B 8 4.16 24.50 3.49
C LEU B 8 5.11 23.73 4.42
N GLU B 9 5.44 24.25 5.62
CA GLU B 9 6.35 23.55 6.55
C GLU B 9 5.63 22.39 7.28
N ILE B 10 4.33 22.59 7.62
CA ILE B 10 3.52 21.56 8.27
C ILE B 10 3.21 20.45 7.26
N ILE B 11 2.73 20.85 6.07
CA ILE B 11 2.40 19.93 4.98
C ILE B 11 3.65 19.11 4.51
N SER B 12 4.85 19.75 4.43
N SER B 12 4.85 19.75 4.43
CA SER B 12 6.08 19.06 4.03
CA SER B 12 6.08 19.06 4.03
C SER B 12 6.44 17.98 5.05
C SER B 12 6.44 17.99 5.05
N ARG B 13 6.59 18.36 6.33
CA ARG B 13 6.93 17.45 7.42
C ARG B 13 6.01 16.25 7.50
N TYR B 14 4.68 16.47 7.47
CA TYR B 14 3.71 15.37 7.55
C TYR B 14 3.84 14.37 6.41
N LEU B 15 3.85 14.82 5.14
CA LEU B 15 4.00 13.94 3.96
C LEU B 15 5.35 13.19 3.96
N ARG B 16 6.43 13.87 4.34
CA ARG B 16 7.78 13.31 4.40
C ARG B 16 7.87 12.19 5.42
N GLU B 17 7.45 12.49 6.67
CA GLU B 17 7.49 11.50 7.73
C GLU B 17 6.48 10.38 7.50
N GLN B 18 5.34 10.66 6.83
CA GLN B 18 4.36 9.63 6.48
C GLN B 18 4.96 8.64 5.49
N ALA B 19 5.61 9.13 4.40
CA ALA B 19 6.25 8.27 3.39
C ALA B 19 7.47 7.52 3.98
N THR B 20 8.26 8.16 4.90
CA THR B 20 9.40 7.54 5.59
C THR B 20 8.96 6.46 6.62
N GLY B 21 8.00 6.81 7.45
CA GLY B 21 7.52 5.92 8.51
C GLY B 21 8.05 6.36 9.88
N SER B 22 8.99 7.30 9.87
CA SER B 22 9.56 7.82 11.09
C SER B 22 9.68 9.33 11.07
N LYS B 23 9.34 9.95 12.22
CA LYS B 23 9.37 11.38 12.51
C LYS B 23 10.83 11.89 12.70
N ASP B 24 11.21 12.99 11.98
CA ASP B 24 12.56 13.58 12.02
C ASP B 24 12.68 14.78 12.96
N PRO B 27 11.37 18.79 16.53
CA PRO B 27 12.35 19.23 15.53
C PRO B 27 11.76 20.09 14.40
N LEU B 28 10.43 20.39 14.45
CA LEU B 28 9.79 21.23 13.43
C LEU B 28 10.03 22.71 13.77
N GLY B 29 9.29 23.20 14.75
CA GLY B 29 9.44 24.56 15.24
C GLY B 29 9.96 24.47 16.66
N GLU B 30 9.41 25.29 17.56
CA GLU B 30 9.74 25.25 18.98
C GLU B 30 8.48 24.91 19.74
N ALA B 31 8.60 24.13 20.83
CA ALA B 31 7.46 23.67 21.65
C ALA B 31 6.38 24.76 21.93
N GLY B 32 5.12 24.37 21.78
CA GLY B 32 3.98 25.27 22.01
C GLY B 32 3.47 26.07 20.82
N ALA B 33 4.35 26.33 19.81
CA ALA B 33 4.01 27.10 18.60
C ALA B 33 2.82 26.49 17.84
N ALA B 34 2.23 27.26 16.92
CA ALA B 34 1.11 26.75 16.11
C ALA B 34 1.64 25.67 15.15
N GLY B 35 2.95 25.68 14.89
CA GLY B 35 3.63 24.74 14.01
C GLY B 35 3.76 23.34 14.56
N ARG B 36 4.24 23.17 15.81
CA ARG B 36 4.42 21.85 16.44
C ARG B 36 3.07 21.21 16.80
N ARG B 37 2.15 22.03 17.36
CA ARG B 37 0.78 21.64 17.76
C ARG B 37 -0.03 21.21 16.53
N ALA B 38 0.11 21.94 15.40
CA ALA B 38 -0.60 21.61 14.16
C ALA B 38 -0.15 20.28 13.56
N LEU B 39 1.15 19.91 13.75
CA LEU B 39 1.69 18.67 13.23
C LEU B 39 1.23 17.55 14.14
N GLU B 40 1.15 17.82 15.46
CA GLU B 40 0.70 16.87 16.48
C GLU B 40 -0.76 16.54 16.25
N THR B 41 -1.57 17.58 15.89
CA THR B 41 -3.00 17.50 15.58
C THR B 41 -3.22 16.70 14.28
N LEU B 42 -2.53 17.10 13.21
CA LEU B 42 -2.52 16.50 11.88
C LEU B 42 -2.16 15.01 11.97
N ARG B 43 -1.22 14.64 12.84
CA ARG B 43 -0.87 13.23 13.06
C ARG B 43 -2.02 12.44 13.66
N ARG B 44 -2.72 13.01 14.65
CA ARG B 44 -3.84 12.36 15.30
C ARG B 44 -5.03 12.24 14.36
N VAL B 45 -5.54 13.37 13.89
CA VAL B 45 -6.72 13.43 13.03
C VAL B 45 -6.47 12.82 11.63
N GLY B 46 -5.32 13.13 11.02
CA GLY B 46 -4.93 12.65 9.70
C GLY B 46 -4.58 11.17 9.55
N ASP B 47 -3.94 10.54 10.57
CA ASP B 47 -3.62 9.09 10.55
C ASP B 47 -4.94 8.35 10.65
N GLY B 48 -5.89 8.92 11.40
CA GLY B 48 -7.24 8.41 11.58
C GLY B 48 -8.04 8.48 10.30
N VAL B 49 -7.90 9.62 9.52
CA VAL B 49 -8.62 9.83 8.23
C VAL B 49 -8.13 8.81 7.18
N GLN B 50 -6.81 8.49 7.19
CA GLN B 50 -6.20 7.51 6.27
C GLN B 50 -6.68 6.10 6.57
N ARG B 51 -6.84 5.75 7.87
CA ARG B 51 -7.37 4.46 8.36
C ARG B 51 -8.86 4.31 8.02
N ASN B 52 -9.72 5.26 8.44
CA ASN B 52 -11.16 5.21 8.27
C ASN B 52 -11.63 5.35 6.81
N HIS B 53 -10.93 6.12 6.00
CA HIS B 53 -11.28 6.32 4.58
C HIS B 53 -10.26 5.68 3.66
N GLU B 54 -9.73 4.52 4.04
CA GLU B 54 -8.73 3.83 3.22
C GLU B 54 -9.26 3.38 1.87
N THR B 55 -10.52 2.86 1.80
CA THR B 55 -11.16 2.38 0.56
C THR B 55 -11.32 3.53 -0.44
N ALA B 56 -11.99 4.63 -0.05
CA ALA B 56 -12.15 5.83 -0.88
C ALA B 56 -10.79 6.34 -1.35
N PHE B 57 -9.79 6.42 -0.43
CA PHE B 57 -8.40 6.82 -0.70
C PHE B 57 -7.73 5.93 -1.76
N GLN B 58 -7.97 4.59 -1.69
CA GLN B 58 -7.47 3.60 -2.66
C GLN B 58 -8.07 3.82 -4.04
N GLY B 59 -9.38 4.02 -4.09
CA GLY B 59 -10.10 4.28 -5.33
C GLY B 59 -9.72 5.61 -5.98
N MET B 60 -9.43 6.64 -5.15
CA MET B 60 -9.02 7.94 -5.69
C MET B 60 -7.60 7.87 -6.30
N LEU B 61 -6.66 7.21 -5.59
CA LEU B 61 -5.28 6.96 -6.04
C LEU B 61 -5.32 6.25 -7.40
N ARG B 62 -6.04 5.10 -7.52
CA ARG B 62 -6.21 4.34 -8.77
C ARG B 62 -6.73 5.23 -9.90
N LYS B 63 -7.77 6.03 -9.64
CA LYS B 63 -8.39 6.94 -10.63
C LYS B 63 -7.39 7.94 -11.11
N LEU B 64 -6.57 8.49 -10.21
CA LEU B 64 -5.56 9.47 -10.55
C LEU B 64 -4.38 8.87 -11.30
N ASP B 65 -4.21 7.52 -11.21
CA ASP B 65 -3.15 6.74 -11.87
C ASP B 65 -1.82 7.53 -11.99
N ILE B 66 -1.21 7.84 -10.83
CA ILE B 66 0.03 8.64 -10.67
C ILE B 66 1.21 7.71 -10.91
N LYS B 67 1.97 7.95 -11.99
CA LYS B 67 3.13 7.15 -12.40
C LYS B 67 4.46 7.91 -12.35
N ASN B 68 4.45 9.22 -12.59
CA ASN B 68 5.70 9.98 -12.67
C ASN B 68 5.52 11.41 -12.22
N GLU B 69 6.61 12.19 -12.32
CA GLU B 69 6.73 13.61 -11.99
C GLU B 69 5.68 14.47 -12.70
N ASP B 70 5.30 14.11 -13.96
CA ASP B 70 4.29 14.85 -14.74
C ASP B 70 2.94 14.75 -14.05
N ASP B 71 2.55 13.52 -13.67
CA ASP B 71 1.33 13.18 -12.95
C ASP B 71 1.23 13.89 -11.62
N VAL B 72 2.37 14.06 -10.91
CA VAL B 72 2.41 14.77 -9.61
C VAL B 72 2.14 16.26 -9.80
N LYS B 73 2.74 16.85 -10.85
CA LYS B 73 2.64 18.26 -11.23
C LYS B 73 1.22 18.54 -11.62
N SER B 74 0.68 17.73 -12.57
CA SER B 74 -0.70 17.81 -13.06
C SER B 74 -1.81 17.62 -11.96
N LEU B 75 -1.44 17.24 -10.71
CA LEU B 75 -2.37 17.03 -9.58
C LEU B 75 -3.01 18.34 -9.17
N SER B 76 -2.29 19.45 -9.45
CA SER B 76 -2.70 20.82 -9.22
C SER B 76 -4.08 21.06 -9.80
N ARG B 77 -4.38 20.45 -10.95
CA ARG B 77 -5.65 20.63 -11.66
C ARG B 77 -6.86 20.12 -10.89
N VAL B 78 -6.81 18.87 -10.37
CA VAL B 78 -7.88 18.21 -9.61
C VAL B 78 -8.11 18.94 -8.30
N MET B 79 -7.03 19.34 -7.61
CA MET B 79 -7.11 20.06 -6.33
C MET B 79 -7.80 21.41 -6.53
N ILE B 80 -7.44 22.14 -7.60
CA ILE B 80 -8.11 23.39 -7.99
C ILE B 80 -9.62 23.06 -8.16
N HIS B 81 -9.96 22.00 -8.90
CA HIS B 81 -11.36 21.60 -9.10
C HIS B 81 -12.11 21.22 -7.82
N VAL B 82 -11.49 20.45 -6.91
CA VAL B 82 -12.14 19.96 -5.68
C VAL B 82 -12.20 21.06 -4.62
N PHE B 83 -11.06 21.68 -4.28
CA PHE B 83 -10.97 22.74 -3.28
C PHE B 83 -11.58 24.11 -3.70
N SER B 84 -11.98 24.28 -4.97
CA SER B 84 -12.60 25.54 -5.41
C SER B 84 -14.13 25.52 -5.19
N ASP B 85 -14.71 24.34 -4.82
CA ASP B 85 -16.16 24.24 -4.62
C ASP B 85 -16.60 23.44 -3.38
N GLY B 86 -17.86 23.67 -3.01
CA GLY B 86 -18.54 23.06 -1.86
C GLY B 86 -18.18 23.74 -0.57
N VAL B 87 -18.21 22.97 0.53
CA VAL B 87 -17.87 23.44 1.89
C VAL B 87 -16.40 23.94 2.03
N THR B 88 -16.12 24.60 3.16
CA THR B 88 -14.81 25.11 3.56
C THR B 88 -14.76 25.01 5.05
N ASN B 89 -13.96 24.06 5.54
CA ASN B 89 -13.80 23.79 6.95
C ASN B 89 -12.50 23.05 7.20
N TRP B 90 -12.07 22.99 8.47
CA TRP B 90 -10.86 22.30 8.93
C TRP B 90 -10.87 20.79 8.66
N GLY B 91 -12.07 20.20 8.58
CA GLY B 91 -12.21 18.79 8.27
C GLY B 91 -11.70 18.48 6.88
N ARG B 92 -12.14 19.28 5.91
CA ARG B 92 -11.80 19.27 4.49
C ARG B 92 -10.28 19.54 4.31
N ILE B 93 -9.73 20.51 5.10
CA ILE B 93 -8.31 20.87 5.09
C ILE B 93 -7.46 19.72 5.67
N VAL B 94 -7.92 19.04 6.74
CA VAL B 94 -7.17 17.90 7.27
C VAL B 94 -7.29 16.68 6.29
N THR B 95 -8.43 16.53 5.56
CA THR B 95 -8.63 15.40 4.62
C THR B 95 -7.78 15.54 3.38
N LEU B 96 -7.56 16.77 2.95
CA LEU B 96 -6.71 17.10 1.80
C LEU B 96 -5.24 16.74 2.11
N ILE B 97 -4.77 17.06 3.33
CA ILE B 97 -3.39 16.83 3.79
C ILE B 97 -3.16 15.32 4.05
N SER B 98 -4.20 14.62 4.56
CA SER B 98 -4.21 13.16 4.79
C SER B 98 -4.12 12.40 3.47
N PHE B 99 -4.85 12.85 2.40
CA PHE B 99 -4.80 12.19 1.10
C PHE B 99 -3.46 12.47 0.40
N GLY B 100 -2.83 13.61 0.73
CA GLY B 100 -1.49 13.96 0.23
C GLY B 100 -0.42 13.05 0.80
N ALA B 101 -0.57 12.68 2.08
CA ALA B 101 0.28 11.72 2.82
C ALA B 101 0.14 10.30 2.22
N PHE B 102 -1.12 9.88 1.93
CA PHE B 102 -1.49 8.59 1.32
C PHE B 102 -0.83 8.51 -0.07
N VAL B 103 -0.95 9.61 -0.87
CA VAL B 103 -0.32 9.78 -2.20
C VAL B 103 1.21 9.74 -2.06
N ALA B 104 1.78 10.43 -1.03
CA ALA B 104 3.22 10.42 -0.74
C ALA B 104 3.74 8.99 -0.49
N LYS B 105 2.97 8.15 0.25
CA LYS B 105 3.31 6.74 0.53
C LYS B 105 3.48 5.93 -0.76
N HIS B 106 2.53 6.09 -1.70
CA HIS B 106 2.53 5.47 -3.02
C HIS B 106 3.73 5.94 -3.87
N LEU B 107 4.12 7.25 -3.77
CA LEU B 107 5.26 7.81 -4.50
C LEU B 107 6.56 7.14 -4.09
N LYS B 108 6.71 6.79 -2.81
CA LYS B 108 7.89 6.07 -2.33
C LYS B 108 7.87 4.63 -2.91
N THR B 109 6.71 3.98 -2.91
CA THR B 109 6.49 2.62 -3.40
C THR B 109 6.88 2.50 -4.88
N ILE B 110 6.54 3.55 -5.68
CA ILE B 110 6.80 3.58 -7.12
C ILE B 110 8.10 4.31 -7.49
N ASN B 111 8.98 4.54 -6.51
CA ASN B 111 10.30 5.12 -6.68
C ASN B 111 10.28 6.51 -7.33
N GLN B 112 9.47 7.39 -6.71
CA GLN B 112 9.30 8.80 -7.07
C GLN B 112 9.28 9.64 -5.78
N GLU B 113 10.14 9.31 -4.77
CA GLU B 113 10.16 10.07 -3.50
C GLU B 113 10.64 11.51 -3.64
N SER B 114 11.28 11.82 -4.78
CA SER B 114 11.77 13.15 -5.17
C SER B 114 10.57 14.10 -5.40
N CYS B 115 9.43 13.51 -5.81
CA CYS B 115 8.15 14.14 -6.10
C CYS B 115 7.31 14.50 -4.85
N ILE B 116 7.70 14.05 -3.65
CA ILE B 116 6.95 14.27 -2.39
C ILE B 116 6.97 15.77 -1.99
N GLU B 117 8.18 16.40 -1.95
CA GLU B 117 8.31 17.83 -1.66
C GLU B 117 7.58 18.67 -2.75
N PRO B 118 7.76 18.44 -4.08
CA PRO B 118 6.91 19.15 -5.08
C PRO B 118 5.39 19.00 -4.84
N LEU B 119 4.91 17.77 -4.52
CA LEU B 119 3.50 17.49 -4.19
C LEU B 119 3.07 18.40 -3.03
N ALA B 120 3.87 18.42 -1.93
CA ALA B 120 3.67 19.25 -0.74
C ALA B 120 3.62 20.74 -1.08
N GLU B 121 4.40 21.19 -2.10
CA GLU B 121 4.42 22.60 -2.53
C GLU B 121 3.10 22.91 -3.18
N SER B 122 2.71 22.06 -4.16
CA SER B 122 1.49 22.08 -4.93
C SER B 122 0.23 22.04 -4.05
N ILE B 123 0.24 21.31 -2.89
CA ILE B 123 -0.92 21.25 -1.98
C ILE B 123 -1.12 22.60 -1.32
N THR B 124 -0.03 23.20 -0.80
CA THR B 124 -0.02 24.52 -0.17
C THR B 124 -0.40 25.64 -1.16
N ASP B 125 0.08 25.55 -2.41
CA ASP B 125 -0.24 26.52 -3.45
C ASP B 125 -1.76 26.54 -3.65
N VAL B 126 -2.39 25.36 -3.86
CA VAL B 126 -3.83 25.24 -4.07
C VAL B 126 -4.64 25.64 -2.79
N LEU B 127 -4.21 25.21 -1.62
CA LEU B 127 -4.84 25.51 -0.33
C LEU B 127 -4.95 27.03 -0.03
N VAL B 128 -3.89 27.77 -0.37
CA VAL B 128 -3.78 29.21 -0.13
C VAL B 128 -4.45 30.01 -1.27
N ARG B 129 -4.30 29.56 -2.54
CA ARG B 129 -4.94 30.14 -3.73
C ARG B 129 -6.48 30.17 -3.54
N THR B 130 -7.07 29.06 -3.04
CA THR B 130 -8.52 28.88 -2.85
C THR B 130 -9.07 29.28 -1.48
N LYS B 131 -8.28 29.15 -0.37
CA LYS B 131 -8.83 29.38 0.97
C LYS B 131 -8.11 30.41 1.85
N ARG B 132 -7.27 31.30 1.27
CA ARG B 132 -6.53 32.32 2.03
C ARG B 132 -7.40 33.19 2.96
N ASP B 133 -8.47 33.84 2.43
CA ASP B 133 -9.38 34.71 3.21
C ASP B 133 -9.95 34.00 4.45
N TRP B 134 -10.55 32.79 4.23
CA TRP B 134 -11.08 31.92 5.28
C TRP B 134 -9.95 31.57 6.26
N LEU B 135 -8.74 31.22 5.76
CA LEU B 135 -7.58 30.89 6.62
C LEU B 135 -7.15 32.06 7.50
N VAL B 136 -7.20 33.30 6.95
CA VAL B 136 -6.85 34.52 7.69
C VAL B 136 -7.89 34.71 8.82
N LYS B 137 -9.18 34.68 8.47
CA LYS B 137 -10.32 34.83 9.37
C LYS B 137 -10.33 33.76 10.45
N GLN B 138 -9.78 32.56 10.14
CA GLN B 138 -9.76 31.43 11.09
C GLN B 138 -8.49 31.42 11.95
N ARG B 139 -7.62 32.42 11.72
CA ARG B 139 -6.35 32.66 12.43
C ARG B 139 -5.27 31.59 12.12
N GLY B 140 -5.36 31.05 10.91
CA GLY B 140 -4.45 30.05 10.38
C GLY B 140 -4.33 28.81 11.25
N TRP B 141 -3.09 28.39 11.50
CA TRP B 141 -2.82 27.18 12.24
C TRP B 141 -3.13 27.26 13.73
N ASP B 142 -3.36 28.45 14.30
CA ASP B 142 -3.80 28.60 15.71
C ASP B 142 -5.25 28.15 15.82
N GLY B 143 -6.06 28.55 14.83
CA GLY B 143 -7.45 28.17 14.66
C GLY B 143 -7.62 26.68 14.41
N PHE B 144 -6.77 26.09 13.53
CA PHE B 144 -6.70 24.65 13.22
C PHE B 144 -6.55 23.86 14.50
N VAL B 145 -5.51 24.19 15.28
CA VAL B 145 -5.16 23.58 16.55
C VAL B 145 -6.31 23.69 17.58
N GLU B 146 -6.88 24.91 17.77
CA GLU B 146 -7.97 25.22 18.70
C GLU B 146 -9.26 24.51 18.36
N PHE B 147 -9.50 24.28 17.07
CA PHE B 147 -10.67 23.58 16.55
C PHE B 147 -10.62 22.08 16.90
N PHE B 148 -9.46 21.43 16.76
CA PHE B 148 -9.37 20.01 17.04
C PHE B 148 -9.08 19.71 18.50
N HIS B 149 -9.01 20.77 19.35
CA HIS B 149 -8.83 20.69 20.81
C HIS B 149 -10.19 20.40 21.47
N VAL B 150 -10.35 19.20 22.02
CA VAL B 150 -11.61 18.80 22.63
C VAL B 150 -11.49 18.68 24.19
N GLU B 151 -11.77 19.79 24.92
CA GLU B 151 -11.75 19.94 26.40
C GLU B 151 -12.74 21.06 26.82
N ASP B 152 -14.02 20.92 26.38
CA ASP B 152 -15.11 21.88 26.57
C ASP B 152 -16.20 21.46 27.59
N LEU B 153 -15.76 20.86 28.73
CA LEU B 153 -16.61 20.42 29.85
C LEU B 153 -17.51 19.23 29.46
C1 E4K C . 16.09 -12.74 1.19
C2 E4K C . 16.33 -13.55 2.31
C3 E4K C . 16.06 -14.91 2.29
C7 E4K C . 15.26 -12.56 -1.20
C8 E4K C . 13.94 -12.15 -1.48
C9 E4K C . 13.65 -11.54 -2.69
C10 E4K C . 14.62 -11.38 -3.67
C11 E4K C . 15.94 -11.74 -3.40
C12 E4K C . 16.26 -12.37 -2.17
C13 E4K C . 18.15 -12.29 -3.38
C14 E4K C . 17.18 -11.67 -4.14
C15 E4K C . 17.31 -11.12 -5.54
C16 E4K C . 17.57 -9.63 -5.56
C19 E4K C . 16.44 -8.50 -9.56
C20 E4K C . 16.01 -8.36 -10.86
C21 E4K C . 16.49 -9.22 -11.86
C22 E4K C . 17.37 -10.25 -11.55
C24 E4K C . 18.72 -11.55 -9.81
C27 E4K C . 17.81 -11.20 -12.64
O1 E4K C . 20.13 -12.17 -4.69
C28 E4K C . 19.58 -12.55 -3.65
O2 E4K C . 20.22 -13.19 -2.70
N E4K C . 17.60 -12.70 -2.19
C6 E4K C . 15.52 -13.33 0.05
C5 E4K C . 15.25 -14.70 0.04
C4 E4K C . 15.51 -15.48 1.15
C E4K C . 16.46 -11.27 1.24
C17 E4K C . 17.16 -9.03 -6.88
O E4K C . 17.78 -9.74 -7.96
C18 E4K C . 17.34 -9.52 -9.23
C23 E4K C . 17.78 -10.43 -10.20
C25 E4K C . 18.94 -12.60 -10.93
C26 E4K C . 19.09 -11.95 -12.28
C1 E4K D . 11.93 -11.65 3.99
C2 E4K D . 12.67 -11.27 5.11
C3 E4K D . 13.79 -10.46 4.99
C7 E4K D . 11.65 -11.56 1.45
C8 E4K D . 11.07 -10.55 0.68
C9 E4K D . 10.35 -10.86 -0.47
C10 E4K D . 10.17 -12.18 -0.87
C11 E4K D . 10.77 -13.21 -0.14
C12 E4K D . 11.51 -12.90 1.02
C13 E4K D . 11.58 -15.12 0.77
C14 E4K D . 10.84 -14.64 -0.29
C15 E4K D . 10.13 -15.43 -1.37
C16 E4K D . 11.08 -15.98 -2.42
C19 E4K D . 11.23 -12.98 -5.49
C20 E4K D . 11.12 -12.03 -6.49
C21 E4K D . 9.88 -11.80 -7.09
C22 E4K D . 8.74 -12.51 -6.71
C24 E4K D . 7.65 -14.26 -5.22
C27 E4K D . 7.42 -12.17 -7.34
O1 E4K D . 11.62 -17.44 0.41
C28 E4K D . 11.94 -16.51 1.14
O2 E4K D . 12.64 -16.70 2.23
N E4K D . 11.96 -14.07 1.58
C6 E4K D . 12.37 -11.21 2.71
C5 E4K D . 13.50 -10.40 2.62
C4 E4K D . 14.21 -10.03 3.75
C E4K D . 10.71 -12.52 4.17
C17 E4K D . 11.38 -14.95 -3.47
O E4K D . 10.14 -14.69 -4.15
C18 E4K D . 10.11 -13.70 -5.10
C23 E4K D . 8.87 -13.50 -5.71
C25 E4K D . 6.39 -14.03 -6.03
C26 E4K D . 6.25 -12.58 -6.44
C1 E4K E . -15.47 13.40 -3.00
C2 E4K E . -16.49 13.65 -2.07
C3 E4K E . -16.50 14.80 -1.30
C7 E4K E . -13.31 14.17 -4.09
C8 E4K E . -12.06 13.67 -3.72
C9 E4K E . -11.06 13.48 -4.66
C10 E4K E . -11.26 13.84 -5.99
C11 E4K E . -12.52 14.28 -6.41
C12 E4K E . -13.54 14.45 -5.45
C13 E4K E . -14.40 15.04 -7.44
C14 E4K E . -13.10 14.61 -7.69
C15 E4K E . -12.32 14.74 -8.97
C16 E4K E . -12.39 13.49 -9.84
C19 E4K E . -9.03 13.98 -12.58
C20 E4K E . -7.92 14.37 -13.32
C21 E4K E . -7.84 15.66 -13.84
C22 E4K E . -8.88 16.57 -13.67
C24 E4K E . -11.14 17.16 -12.64
C27 E4K E . -8.73 17.96 -14.21
O1 E4K E . -15.24 15.73 -9.52
C28 E4K E . -15.42 15.61 -8.32
O2 E4K E . -16.52 15.94 -7.72
N E4K E . -14.67 14.90 -6.10
C6 E4K E . -14.41 14.33 -3.10
C5 E4K E . -14.44 15.50 -2.32
C4 E4K E . -15.47 15.72 -1.42
C E4K E . -15.53 12.17 -3.87
C17 E4K E . -11.23 13.43 -10.82
O E4K E . -11.20 14.62 -11.65
C18 E4K E . -10.06 14.90 -12.37
C23 E4K E . -9.99 16.21 -12.88
C25 E4K E . -10.79 18.62 -12.93
C26 E4K E . -10.01 18.78 -14.22
C1 E4K F . -13.62 10.53 0.92
C2 E4K F . -14.82 9.84 1.09
C3 E4K F . -15.55 9.39 0.00
C7 E4K F . -11.88 11.49 -0.69
C8 E4K F . -10.82 10.82 -1.31
C9 E4K F . -9.63 11.50 -1.61
C10 E4K F . -9.48 12.83 -1.27
C11 E4K F . -10.51 13.51 -0.61
C12 E4K F . -11.73 12.84 -0.34
C13 E4K F . -11.95 14.95 0.42
C14 E4K F . -10.67 14.86 -0.11
C15 E4K F . -9.63 15.94 -0.20
C16 E4K F . -9.91 16.96 -1.30
C19 E4K F . -7.92 15.59 -4.90
C20 E4K F . -7.13 15.07 -5.91
C21 E4K F . -5.76 14.90 -5.71
C22 E4K F . -5.17 15.24 -4.49
C24 E4K F . -5.37 16.09 -2.10
C27 E4K F . -3.68 15.01 -4.32
O1 E4K F . -12.12 17.18 1.14
C28 E4K F . -12.65 16.08 1.06
O2 E4K F . -13.87 15.87 1.46
N E4K F . -12.58 13.73 0.28
C6 E4K F . -13.15 10.75 -0.40
C5 E4K F . -13.91 10.29 -1.49
C4 E4K F . -15.10 9.62 -1.29
C E4K F . -12.83 10.95 2.14
C17 E4K F . -9.45 16.47 -2.65
O E4K F . -8.02 16.46 -2.63
C18 E4K F . -7.35 15.90 -3.67
C23 E4K F . -5.96 15.75 -3.45
C25 E4K F . -3.84 16.13 -2.07
C26 E4K F . -3.23 14.97 -2.86
#